data_3AUT
#
_entry.id   3AUT
#
_cell.length_a   65.017
_cell.length_b   128.082
_cell.length_c   64.745
_cell.angle_alpha   90.00
_cell.angle_beta   110.44
_cell.angle_gamma   90.00
#
_symmetry.space_group_name_H-M   'C 1 2 1'
#
loop_
_entity.id
_entity.type
_entity.pdbx_description
1 polymer 'Glucose 1-dehydrogenase 4'
2 non-polymer '1,4-DIHYDRONICOTINAMIDE ADENINE DINUCLEOTIDE'
3 water water
#
_entity_poly.entity_id   1
_entity_poly.type   'polypeptide(L)'
_entity_poly.pdbx_seq_one_letter_code
;MGHHHHHHMYTDLKDKVVVITGGSTGLGRAMAVRFGQEEAKVVINYYNNEEEALDAKKEVEEAGGQAIIVQGDVTKEEDV
VNLVQTAIKEFGTLDVMINNAGVENPVPSHELSLDNWNKVIDTNLTGAFLGSREAIKYFVENDIKGNVINMSSVHEMIPW
PLFVHYAASKGGMKLMTETLALEYAPKGIRVNNIGPGAMNTPINAEKFADPVQRADVESMIPMGYIGKPEEVAAVAAFLA
SSQASYVTGITLFADGGMTKYPSFQAGRG
;
_entity_poly.pdbx_strand_id   A,B
#
loop_
_chem_comp.id
_chem_comp.type
_chem_comp.name
_chem_comp.formula
NAI non-polymer '1,4-DIHYDRONICOTINAMIDE ADENINE DINUCLEOTIDE' 'C21 H29 N7 O14 P2'
#
# COMPACT_ATOMS: atom_id res chain seq x y z
N HIS A 8 26.50 27.66 2.41
CA HIS A 8 25.91 26.42 1.81
C HIS A 8 24.67 26.72 1.01
N MET A 9 23.98 25.67 0.60
CA MET A 9 22.88 25.81 -0.35
C MET A 9 21.57 26.30 0.29
N TYR A 10 21.03 25.51 1.23
CA TYR A 10 19.74 25.81 1.85
C TYR A 10 19.89 26.40 3.26
N THR A 11 19.97 27.72 3.33
CA THR A 11 20.27 28.40 4.59
C THR A 11 19.16 28.28 5.63
N ASP A 12 17.93 28.02 5.16
CA ASP A 12 16.78 27.79 6.04
C ASP A 12 16.85 26.45 6.76
N LEU A 13 17.77 25.58 6.31
CA LEU A 13 17.97 24.31 6.98
C LEU A 13 18.91 24.42 8.17
N LYS A 14 19.64 25.54 8.25
CA LYS A 14 20.57 25.78 9.36
C LYS A 14 19.88 25.56 10.69
N ASP A 15 20.43 24.64 11.50
CA ASP A 15 19.96 24.41 12.88
C ASP A 15 18.60 23.72 13.01
N LYS A 16 18.03 23.28 11.88
CA LYS A 16 16.78 22.50 11.90
C LYS A 16 17.09 21.12 12.47
N VAL A 17 16.15 20.57 13.23
CA VAL A 17 16.30 19.21 13.77
C VAL A 17 15.73 18.18 12.80
N VAL A 18 16.60 17.27 12.35
CA VAL A 18 16.24 16.24 11.37
C VAL A 18 16.46 14.83 11.91
N VAL A 19 15.38 14.06 12.03
CA VAL A 19 15.45 12.67 12.48
C VAL A 19 15.47 11.74 11.26
N ILE A 20 16.40 10.79 11.23
CA ILE A 20 16.50 9.87 10.09
C ILE A 20 16.55 8.43 10.60
N THR A 21 15.52 7.64 10.28
CA THR A 21 15.56 6.22 10.64
C THR A 21 16.44 5.47 9.65
N GLY A 22 17.14 4.45 10.14
CA GLY A 22 18.15 3.75 9.35
C GLY A 22 19.18 4.70 8.80
N GLY A 23 19.65 5.64 9.63
CA GLY A 23 20.51 6.71 9.14
C GLY A 23 22.00 6.42 9.19
N SER A 24 22.33 5.18 9.50
CA SER A 24 23.72 4.83 9.74
C SER A 24 24.43 4.36 8.47
N THR A 25 23.64 3.92 7.47
CA THR A 25 24.19 3.35 6.24
C THR A 25 23.42 3.85 5.01
N GLY A 26 24.03 3.70 3.84
CA GLY A 26 23.36 3.88 2.56
C GLY A 26 22.71 5.24 2.39
N LEU A 27 21.45 5.23 1.97
CA LEU A 27 20.74 6.46 1.70
C LEU A 27 20.53 7.27 2.97
N GLY A 28 20.19 6.59 4.07
CA GLY A 28 20.05 7.25 5.35
C GLY A 28 21.30 8.02 5.76
N ARG A 29 22.46 7.36 5.63
CA ARG A 29 23.73 8.02 5.95
C ARG A 29 24.03 9.20 5.04
N ALA A 30 23.81 9.02 3.74
CA ALA A 30 24.05 10.11 2.79
C ALA A 30 23.16 11.33 3.08
N MET A 31 21.93 11.10 3.55
CA MET A 31 21.05 12.22 3.89
C MET A 31 21.54 12.91 5.16
N ALA A 32 21.96 12.11 6.14
CA ALA A 32 22.52 12.64 7.40
C ALA A 32 23.67 13.61 7.14
N VAL A 33 24.63 13.16 6.33
CA VAL A 33 25.78 13.97 5.91
C VAL A 33 25.38 15.24 5.16
N ARG A 34 24.44 15.10 4.22
CA ARG A 34 23.96 16.24 3.45
C ARG A 34 23.27 17.30 4.31
N PHE A 35 22.44 16.86 5.26
CA PHE A 35 21.85 17.81 6.19
C PHE A 35 22.92 18.47 7.09
N GLY A 36 23.91 17.69 7.47
CA GLY A 36 25.11 18.18 8.16
C GLY A 36 25.84 19.26 7.38
N GLN A 37 25.85 19.13 6.05
CA GLN A 37 26.44 20.15 5.19
C GLN A 37 25.61 21.42 5.16
N GLU A 38 24.34 21.30 5.57
CA GLU A 38 23.44 22.44 5.63
C GLU A 38 23.38 22.96 7.06
N GLU A 39 24.30 22.48 7.90
CA GLU A 39 24.44 22.88 9.31
C GLU A 39 23.20 22.53 10.14
N ALA A 40 22.54 21.44 9.77
CA ALA A 40 21.39 20.99 10.54
C ALA A 40 21.84 20.20 11.77
N LYS A 41 20.86 19.91 12.63
CA LYS A 41 21.07 19.04 13.77
C LYS A 41 20.39 17.71 13.46
N VAL A 42 21.21 16.68 13.28
CA VAL A 42 20.77 15.39 12.78
C VAL A 42 20.65 14.37 13.90
N VAL A 43 19.55 13.62 13.93
CA VAL A 43 19.35 12.55 14.88
C VAL A 43 19.36 11.26 14.10
N ILE A 44 20.43 10.48 14.29
CA ILE A 44 20.69 9.29 13.51
C ILE A 44 20.12 8.05 14.23
N ASN A 45 19.05 7.48 13.69
CA ASN A 45 18.55 6.22 14.25
C ASN A 45 19.29 5.03 13.66
N TYR A 46 19.38 3.94 14.42
CA TYR A 46 20.05 2.71 13.95
C TYR A 46 19.48 1.48 14.63
N TYR A 47 19.55 0.34 13.96
CA TYR A 47 19.00 -0.91 14.48
C TYR A 47 19.97 -1.57 15.46
N ASN A 48 21.14 -1.98 14.99
CA ASN A 48 22.13 -2.59 15.89
C ASN A 48 23.58 -2.19 15.69
N ASN A 49 23.95 -1.73 14.49
CA ASN A 49 25.35 -1.42 14.22
C ASN A 49 25.79 -0.04 14.71
N GLU A 50 26.09 0.03 16.01
CA GLU A 50 26.54 1.23 16.68
C GLU A 50 27.74 1.92 16.00
N GLU A 51 28.71 1.13 15.55
CA GLU A 51 29.96 1.69 15.04
C GLU A 51 29.79 2.46 13.73
N GLU A 52 28.94 1.93 12.84
CA GLU A 52 28.57 2.67 11.62
C GLU A 52 27.81 3.94 11.98
N ALA A 53 26.90 3.83 12.94
CA ALA A 53 26.17 4.99 13.46
C ALA A 53 27.11 6.02 14.04
N LEU A 54 28.11 5.57 14.81
CA LEU A 54 29.15 6.44 15.33
C LEU A 54 29.95 7.10 14.19
N ASP A 55 30.34 6.29 13.20
CA ASP A 55 30.99 6.78 11.96
C ASP A 55 30.14 7.85 11.28
N ALA A 56 28.84 7.55 11.13
CA ALA A 56 27.91 8.47 10.52
C ALA A 56 27.86 9.77 11.33
N LYS A 57 27.77 9.65 12.65
CA LYS A 57 27.77 10.81 13.54
C LYS A 57 28.95 11.76 13.29
N LYS A 58 30.16 11.22 13.18
CA LYS A 58 31.36 12.01 13.00
C LYS A 58 31.39 12.76 11.65
N GLU A 59 30.90 12.09 10.60
CA GLU A 59 30.76 12.73 9.28
C GLU A 59 29.88 13.99 9.29
N VAL A 60 28.72 13.90 9.96
CA VAL A 60 27.80 15.05 10.07
C VAL A 60 28.51 16.25 10.71
N GLU A 61 29.23 15.98 11.81
CA GLU A 61 30.02 16.99 12.53
C GLU A 61 31.15 17.56 11.67
N GLU A 62 31.90 16.67 11.01
CA GLU A 62 32.96 17.08 10.09
C GLU A 62 32.45 17.83 8.85
N ALA A 63 31.18 17.62 8.50
CA ALA A 63 30.55 18.33 7.39
C ALA A 63 30.02 19.69 7.84
N GLY A 64 29.89 19.87 9.15
CA GLY A 64 29.44 21.14 9.71
C GLY A 64 28.17 21.10 10.54
N GLY A 65 27.69 19.91 10.89
CA GLY A 65 26.44 19.77 11.64
C GLY A 65 26.62 19.27 13.05
N GLN A 66 25.55 19.35 13.85
CA GLN A 66 25.49 18.65 15.13
C GLN A 66 24.77 17.32 14.92
N ALA A 67 25.06 16.32 15.76
CA ALA A 67 24.51 14.99 15.56
C ALA A 67 24.51 14.12 16.81
N ILE A 68 23.41 13.41 17.01
CA ILE A 68 23.34 12.36 18.03
C ILE A 68 22.92 11.06 17.36
N ILE A 69 23.22 9.94 18.02
CA ILE A 69 22.74 8.64 17.56
C ILE A 69 21.78 8.07 18.60
N VAL A 70 20.80 7.29 18.14
CA VAL A 70 19.78 6.72 19.01
C VAL A 70 19.39 5.34 18.48
N GLN A 71 19.57 4.31 19.30
CA GLN A 71 19.18 2.94 18.93
C GLN A 71 17.66 2.82 18.91
N GLY A 72 17.13 2.05 17.96
CA GLY A 72 15.70 1.81 17.85
C GLY A 72 15.32 0.89 16.70
N ASP A 73 14.35 0.02 16.97
CA ASP A 73 13.76 -0.87 15.99
C ASP A 73 12.41 -0.25 15.61
N VAL A 74 12.26 0.10 14.33
CA VAL A 74 11.04 0.81 13.87
C VAL A 74 9.76 -0.04 13.92
N THR A 75 9.89 -1.35 14.10
CA THR A 75 8.75 -2.22 14.33
C THR A 75 8.29 -2.23 15.81
N LYS A 76 9.02 -1.55 16.70
CA LYS A 76 8.59 -1.40 18.09
C LYS A 76 8.10 0.01 18.28
N GLU A 77 6.84 0.14 18.71
CA GLU A 77 6.25 1.45 18.88
C GLU A 77 6.99 2.31 19.89
N GLU A 78 7.38 1.71 21.02
CA GLU A 78 8.14 2.44 22.05
C GLU A 78 9.47 3.01 21.53
N ASP A 79 10.16 2.26 20.67
CA ASP A 79 11.42 2.73 20.06
C ASP A 79 11.19 3.93 19.15
N VAL A 80 10.10 3.92 18.40
CA VAL A 80 9.79 5.07 17.54
C VAL A 80 9.42 6.27 18.40
N VAL A 81 8.56 6.04 19.39
CA VAL A 81 8.21 7.09 20.36
C VAL A 81 9.45 7.67 21.07
N ASN A 82 10.31 6.79 21.59
CA ASN A 82 11.59 7.20 22.23
C ASN A 82 12.47 8.02 21.29
N LEU A 83 12.55 7.63 20.03
CA LEU A 83 13.39 8.33 19.04
C LEU A 83 13.01 9.81 18.91
N VAL A 84 11.72 10.08 18.72
CA VAL A 84 11.22 11.45 18.54
C VAL A 84 11.36 12.24 19.84
N GLN A 85 11.11 11.59 20.97
CA GLN A 85 11.32 12.21 22.29
C GLN A 85 12.78 12.58 22.57
N THR A 86 13.72 11.70 22.21
CA THR A 86 15.15 11.97 22.36
C THR A 86 15.56 13.18 21.52
N ALA A 87 15.02 13.27 20.30
CA ALA A 87 15.30 14.40 19.43
C ALA A 87 14.89 15.72 20.07
N ILE A 88 13.67 15.76 20.60
CA ILE A 88 13.14 16.98 21.24
C ILE A 88 13.95 17.30 22.51
N LYS A 89 14.11 16.31 23.39
CA LYS A 89 14.96 16.45 24.59
C LYS A 89 16.33 17.06 24.24
N GLU A 90 17.10 16.35 23.43
CA GLU A 90 18.48 16.73 23.13
C GLU A 90 18.63 18.04 22.38
N PHE A 91 17.79 18.28 21.36
CA PHE A 91 17.98 19.44 20.49
C PHE A 91 16.95 20.54 20.65
N GLY A 92 15.87 20.25 21.39
CA GLY A 92 14.90 21.30 21.74
C GLY A 92 13.62 21.33 20.94
N THR A 93 13.61 20.62 19.80
CA THR A 93 12.48 20.64 18.87
C THR A 93 12.64 19.55 17.79
N LEU A 94 11.74 19.54 16.82
CA LEU A 94 11.79 18.60 15.70
C LEU A 94 11.27 19.37 14.51
N ASP A 95 12.00 19.34 13.39
CA ASP A 95 11.59 20.08 12.18
C ASP A 95 11.27 19.19 10.97
N VAL A 96 12.09 18.15 10.79
CA VAL A 96 11.99 17.29 9.61
C VAL A 96 12.09 15.84 10.11
N MET A 97 11.14 15.02 9.70
CA MET A 97 11.16 13.60 10.03
C MET A 97 11.35 12.76 8.78
N ILE A 98 12.37 11.90 8.78
CA ILE A 98 12.69 11.07 7.60
C ILE A 98 12.62 9.57 7.91
N ASN A 99 11.57 8.91 7.42
CA ASN A 99 11.40 7.47 7.61
C ASN A 99 12.05 6.67 6.49
N ASN A 100 13.25 6.15 6.77
CA ASN A 100 14.10 5.59 5.73
C ASN A 100 14.39 4.10 5.90
N ALA A 101 14.16 3.57 7.10
CA ALA A 101 14.40 2.16 7.38
C ALA A 101 13.65 1.26 6.41
N GLY A 102 14.28 0.17 5.98
CA GLY A 102 13.63 -0.75 5.07
C GLY A 102 14.38 -2.06 4.95
N VAL A 103 13.62 -3.13 4.72
CA VAL A 103 14.18 -4.46 4.47
C VAL A 103 13.49 -5.11 3.27
N GLU A 104 14.15 -6.09 2.66
CA GLU A 104 13.65 -6.76 1.46
C GLU A 104 14.32 -8.11 1.29
N ASN A 105 13.59 -9.07 0.71
CA ASN A 105 14.20 -10.33 0.28
C ASN A 105 13.36 -11.03 -0.79
N PRO A 106 14.02 -11.68 -1.77
CA PRO A 106 13.31 -12.35 -2.87
C PRO A 106 12.70 -13.70 -2.49
N VAL A 107 11.41 -13.89 -2.77
CA VAL A 107 10.72 -15.16 -2.55
C VAL A 107 9.61 -15.26 -3.60
N PRO A 108 9.49 -16.40 -4.29
CA PRO A 108 8.29 -16.59 -5.10
C PRO A 108 7.05 -16.29 -4.27
N SER A 109 6.14 -15.49 -4.80
CA SER A 109 5.04 -14.94 -4.00
C SER A 109 4.12 -16.00 -3.37
N HIS A 110 3.82 -17.07 -4.13
CA HIS A 110 2.98 -18.16 -3.62
C HIS A 110 3.66 -18.96 -2.54
N GLU A 111 4.96 -18.75 -2.38
CA GLU A 111 5.77 -19.36 -1.32
C GLU A 111 6.13 -18.44 -0.16
N LEU A 112 5.78 -17.15 -0.27
CA LEU A 112 6.16 -16.19 0.78
C LEU A 112 5.37 -16.47 2.06
N SER A 113 6.06 -16.60 3.18
CA SER A 113 5.42 -16.87 4.46
C SER A 113 4.73 -15.63 5.03
N LEU A 114 3.75 -15.85 5.90
CA LEU A 114 3.10 -14.73 6.58
C LEU A 114 4.09 -13.95 7.44
N ASP A 115 5.02 -14.65 8.10
CA ASP A 115 6.01 -13.99 8.97
C ASP A 115 6.93 -13.07 8.17
N ASN A 116 7.32 -13.54 6.99
CA ASN A 116 8.20 -12.78 6.11
C ASN A 116 7.46 -11.56 5.51
N TRP A 117 6.24 -11.78 5.06
CA TRP A 117 5.36 -10.69 4.64
C TRP A 117 5.25 -9.62 5.71
N ASN A 118 4.89 -10.03 6.94
CA ASN A 118 4.73 -9.10 8.07
C ASN A 118 5.98 -8.29 8.42
N LYS A 119 7.14 -8.93 8.39
CA LYS A 119 8.40 -8.27 8.71
C LYS A 119 8.61 -7.08 7.78
N VAL A 120 8.40 -7.31 6.49
CA VAL A 120 8.56 -6.27 5.47
C VAL A 120 7.45 -5.20 5.60
N ILE A 121 6.18 -5.61 5.71
CA ILE A 121 5.08 -4.65 5.97
C ILE A 121 5.33 -3.83 7.26
N ASP A 122 5.58 -4.50 8.37
CA ASP A 122 5.85 -3.83 9.68
C ASP A 122 7.01 -2.84 9.63
N THR A 123 8.08 -3.19 8.93
CA THR A 123 9.26 -2.34 8.81
C THR A 123 9.07 -1.18 7.83
N ASN A 124 8.63 -1.48 6.61
CA ASN A 124 8.68 -0.52 5.51
C ASN A 124 7.47 0.38 5.49
N LEU A 125 6.32 -0.13 5.92
CA LEU A 125 5.09 0.65 5.90
C LEU A 125 4.70 1.18 7.30
N THR A 126 4.49 0.25 8.22
CA THR A 126 4.06 0.57 9.58
C THR A 126 5.09 1.41 10.34
N GLY A 127 6.37 1.09 10.19
CA GLY A 127 7.42 1.92 10.76
C GLY A 127 7.28 3.38 10.32
N ALA A 128 7.01 3.58 9.03
CA ALA A 128 6.84 4.91 8.47
C ALA A 128 5.58 5.59 8.97
N PHE A 129 4.49 4.83 9.10
CA PHE A 129 3.29 5.37 9.73
C PHE A 129 3.63 5.84 11.16
N LEU A 130 4.27 4.98 11.93
CA LEU A 130 4.62 5.32 13.32
C LEU A 130 5.45 6.60 13.42
N GLY A 131 6.49 6.70 12.58
CA GLY A 131 7.34 7.89 12.54
C GLY A 131 6.62 9.16 12.11
N SER A 132 5.82 9.03 11.06
CA SER A 132 5.06 10.16 10.55
C SER A 132 4.08 10.66 11.63
N ARG A 133 3.44 9.71 12.29
CA ARG A 133 2.44 10.00 13.32
C ARG A 133 3.07 10.76 14.47
N GLU A 134 4.17 10.23 15.02
CA GLU A 134 4.84 10.87 16.15
C GLU A 134 5.33 12.27 15.78
N ALA A 135 5.86 12.43 14.57
CA ALA A 135 6.27 13.74 14.11
C ALA A 135 5.09 14.72 13.96
N ILE A 136 4.03 14.26 13.29
CA ILE A 136 2.86 15.12 13.07
C ILE A 136 2.20 15.53 14.39
N LYS A 137 2.03 14.58 15.31
CA LYS A 137 1.57 14.85 16.67
C LYS A 137 2.33 16.06 17.27
N TYR A 138 3.66 16.00 17.19
CA TYR A 138 4.50 17.05 17.73
C TYR A 138 4.29 18.42 17.06
N PHE A 139 4.25 18.43 15.72
CA PHE A 139 4.06 19.65 14.92
C PHE A 139 2.69 20.27 15.24
N VAL A 140 1.68 19.40 15.39
CA VAL A 140 0.31 19.82 15.63
C VAL A 140 0.20 20.44 17.03
N GLU A 141 0.75 19.73 18.03
CA GLU A 141 0.73 20.21 19.41
C GLU A 141 1.49 21.52 19.63
N ASN A 142 2.54 21.74 18.85
CA ASN A 142 3.39 22.91 19.01
C ASN A 142 3.31 23.96 17.89
N ASP A 143 2.30 23.85 17.02
CA ASP A 143 2.13 24.78 15.88
C ASP A 143 3.41 24.99 15.04
N ILE A 144 4.17 23.92 14.83
CA ILE A 144 5.34 23.94 13.95
C ILE A 144 4.91 23.51 12.54
N LYS A 145 5.38 24.24 11.53
CA LYS A 145 5.11 23.91 10.13
C LYS A 145 6.18 22.93 9.65
N GLY A 146 6.11 21.72 10.17
CA GLY A 146 7.18 20.75 9.97
C GLY A 146 7.05 19.99 8.67
N ASN A 147 7.93 19.00 8.53
CA ASN A 147 8.16 18.36 7.27
C ASN A 147 8.36 16.88 7.46
N VAL A 148 7.67 16.07 6.67
CA VAL A 148 7.90 14.64 6.70
C VAL A 148 8.36 14.15 5.32
N ILE A 149 9.47 13.42 5.30
CA ILE A 149 9.92 12.74 4.09
C ILE A 149 9.90 11.22 4.30
N ASN A 150 9.09 10.53 3.51
CA ASN A 150 9.03 9.08 3.58
C ASN A 150 9.80 8.49 2.42
N MET A 151 10.70 7.57 2.73
CA MET A 151 11.53 6.91 1.72
CA MET A 151 11.51 6.94 1.69
C MET A 151 10.78 5.74 1.10
N SER A 152 10.36 5.95 -0.14
CA SER A 152 9.64 4.98 -0.89
C SER A 152 10.62 4.30 -1.88
N SER A 153 10.15 4.11 -3.10
CA SER A 153 10.92 3.41 -4.10
C SER A 153 10.21 3.54 -5.44
N VAL A 154 10.93 3.27 -6.52
CA VAL A 154 10.32 3.11 -7.83
C VAL A 154 9.23 2.04 -7.75
N HIS A 155 9.36 1.15 -6.77
CA HIS A 155 8.40 0.08 -6.57
C HIS A 155 7.13 0.43 -5.82
N GLU A 156 6.87 1.72 -5.62
CA GLU A 156 5.50 2.11 -5.31
C GLU A 156 4.72 2.24 -6.63
N MET A 157 5.44 2.20 -7.75
CA MET A 157 4.83 2.31 -9.09
C MET A 157 5.19 1.10 -9.94
N ILE A 158 6.44 0.69 -9.90
CA ILE A 158 6.90 -0.48 -10.67
C ILE A 158 6.61 -1.74 -9.84
N PRO A 159 5.77 -2.66 -10.37
CA PRO A 159 5.55 -3.92 -9.65
C PRO A 159 6.84 -4.75 -9.53
N TRP A 160 6.89 -5.70 -8.60
CA TRP A 160 8.17 -6.34 -8.30
C TRP A 160 8.02 -7.80 -7.96
N PRO A 161 7.97 -8.66 -9.00
CA PRO A 161 7.92 -10.11 -8.78
C PRO A 161 8.99 -10.58 -7.81
N LEU A 162 8.64 -11.53 -6.95
CA LEU A 162 9.52 -12.02 -5.87
C LEU A 162 9.63 -11.07 -4.69
N PHE A 163 9.08 -9.86 -4.82
CA PHE A 163 9.14 -8.86 -3.74
C PHE A 163 7.76 -8.28 -3.50
N VAL A 164 6.74 -9.15 -3.46
CA VAL A 164 5.35 -8.68 -3.35
C VAL A 164 5.10 -7.92 -2.03
N HIS A 165 5.78 -8.33 -0.95
CA HIS A 165 5.75 -7.61 0.32
C HIS A 165 6.33 -6.21 0.24
N TYR A 166 7.52 -6.11 -0.34
CA TYR A 166 8.11 -4.80 -0.59
C TYR A 166 7.22 -3.87 -1.44
N ALA A 167 6.74 -4.36 -2.59
CA ALA A 167 5.89 -3.56 -3.46
C ALA A 167 4.63 -3.10 -2.75
N ALA A 168 3.92 -4.05 -2.09
CA ALA A 168 2.76 -3.71 -1.27
C ALA A 168 3.10 -2.64 -0.23
N SER A 169 4.23 -2.81 0.45
CA SER A 169 4.59 -1.87 1.51
C SER A 169 4.74 -0.45 0.97
N LYS A 170 5.32 -0.32 -0.23
CA LYS A 170 5.55 1.02 -0.82
C LYS A 170 4.30 1.60 -1.54
N GLY A 171 3.50 0.75 -2.17
CA GLY A 171 2.21 1.18 -2.67
C GLY A 171 1.35 1.74 -1.52
N GLY A 172 1.41 1.07 -0.37
CA GLY A 172 0.75 1.56 0.85
C GLY A 172 1.32 2.88 1.33
N MET A 173 2.66 2.97 1.31
CA MET A 173 3.33 4.20 1.71
C MET A 173 2.92 5.42 0.88
N LYS A 174 2.66 5.19 -0.42
CA LYS A 174 2.27 6.27 -1.31
C LYS A 174 0.92 6.84 -0.84
N LEU A 175 -0.08 5.99 -0.63
CA LEU A 175 -1.42 6.46 -0.20
C LEU A 175 -1.39 7.03 1.24
N MET A 176 -0.50 6.49 2.07
CA MET A 176 -0.30 7.00 3.43
C MET A 176 0.18 8.45 3.39
N THR A 177 1.26 8.65 2.65
CA THR A 177 1.83 9.98 2.46
C THR A 177 0.85 10.98 1.86
N GLU A 178 0.20 10.58 0.77
CA GLU A 178 -0.78 11.44 0.13
C GLU A 178 -1.92 11.83 1.08
N THR A 179 -2.40 10.87 1.86
CA THR A 179 -3.46 11.13 2.87
C THR A 179 -3.02 12.10 3.96
N LEU A 180 -1.84 11.85 4.53
CA LEU A 180 -1.31 12.73 5.56
C LEU A 180 -1.06 14.15 5.01
N ALA A 181 -0.63 14.22 3.74
CA ALA A 181 -0.39 15.54 3.13
C ALA A 181 -1.70 16.31 3.01
N LEU A 182 -2.76 15.63 2.59
CA LEU A 182 -4.07 16.26 2.44
C LEU A 182 -4.62 16.62 3.83
N GLU A 183 -4.52 15.67 4.76
CA GLU A 183 -5.04 15.88 6.12
C GLU A 183 -4.38 17.08 6.84
N TYR A 184 -3.06 17.24 6.69
CA TYR A 184 -2.33 18.23 7.50
C TYR A 184 -1.79 19.41 6.72
N ALA A 185 -2.13 19.48 5.43
CA ALA A 185 -1.82 20.66 4.63
C ALA A 185 -2.36 21.98 5.23
N PRO A 186 -3.58 21.98 5.80
CA PRO A 186 -4.08 23.26 6.36
C PRO A 186 -3.25 23.78 7.54
N LYS A 187 -2.44 22.90 8.12
CA LYS A 187 -1.56 23.28 9.22
C LYS A 187 -0.14 23.65 8.77
N GLY A 188 0.10 23.71 7.45
CA GLY A 188 1.41 24.02 6.91
C GLY A 188 2.43 22.88 7.06
N ILE A 189 1.96 21.70 7.44
CA ILE A 189 2.82 20.51 7.55
C ILE A 189 2.85 19.78 6.19
N ARG A 190 4.05 19.61 5.64
CA ARG A 190 4.16 19.00 4.32
C ARG A 190 4.65 17.57 4.46
N VAL A 191 4.19 16.71 3.56
CA VAL A 191 4.49 15.27 3.63
C VAL A 191 4.72 14.79 2.19
N ASN A 192 5.89 14.20 1.95
CA ASN A 192 6.29 13.79 0.61
C ASN A 192 7.04 12.47 0.60
N ASN A 193 7.00 11.79 -0.54
CA ASN A 193 7.82 10.60 -0.77
C ASN A 193 8.98 10.93 -1.68
N ILE A 194 10.11 10.23 -1.47
CA ILE A 194 11.19 10.19 -2.45
C ILE A 194 11.17 8.76 -3.01
N GLY A 195 11.26 8.62 -4.34
CA GLY A 195 11.30 7.30 -4.97
C GLY A 195 12.62 6.93 -5.64
N PRO A 196 13.57 6.37 -4.87
CA PRO A 196 14.88 6.03 -5.47
C PRO A 196 14.78 4.86 -6.44
N GLY A 197 15.54 4.91 -7.52
CA GLY A 197 15.74 3.73 -8.37
C GLY A 197 16.85 2.89 -7.77
N ALA A 198 17.68 2.29 -8.63
CA ALA A 198 18.81 1.47 -8.20
C ALA A 198 19.93 2.37 -7.74
N MET A 199 20.34 2.20 -6.48
CA MET A 199 21.30 3.09 -5.83
C MET A 199 22.54 2.34 -5.33
N ASN A 200 23.69 3.00 -5.38
CA ASN A 200 24.97 2.40 -4.97
C ASN A 200 25.14 2.41 -3.44
N THR A 201 24.49 1.46 -2.77
CA THR A 201 24.48 1.38 -1.30
C THR A 201 24.97 -0.02 -0.84
N PRO A 202 25.34 -0.17 0.47
CA PRO A 202 25.87 -1.43 1.02
C PRO A 202 25.05 -2.67 0.68
N ILE A 203 23.72 -2.59 0.81
CA ILE A 203 22.82 -3.70 0.45
C ILE A 203 23.10 -4.27 -0.96
N ASN A 204 23.64 -3.42 -1.85
CA ASN A 204 23.86 -3.74 -3.25
C ASN A 204 25.32 -4.00 -3.65
N ALA A 205 26.25 -3.76 -2.71
CA ALA A 205 27.69 -3.88 -2.96
C ALA A 205 28.09 -5.26 -3.52
N GLU A 206 27.43 -6.30 -3.02
CA GLU A 206 27.63 -7.68 -3.47
C GLU A 206 27.21 -7.83 -4.94
N LYS A 207 25.98 -7.44 -5.22
CA LYS A 207 25.37 -7.54 -6.54
C LYS A 207 26.11 -6.70 -7.58
N PHE A 208 26.61 -5.53 -7.17
CA PHE A 208 27.20 -4.58 -8.12
C PHE A 208 28.69 -4.77 -8.36
N ALA A 209 29.31 -5.67 -7.60
CA ALA A 209 30.70 -6.06 -7.83
C ALA A 209 30.78 -6.96 -9.07
N ASP A 210 29.79 -7.84 -9.19
CA ASP A 210 29.65 -8.73 -10.34
C ASP A 210 29.29 -7.94 -11.62
N PRO A 211 30.20 -7.95 -12.63
CA PRO A 211 30.02 -7.18 -13.88
C PRO A 211 28.76 -7.50 -14.66
N VAL A 212 28.38 -8.77 -14.77
CA VAL A 212 27.14 -9.13 -15.47
C VAL A 212 25.88 -8.63 -14.72
N GLN A 213 25.93 -8.63 -13.39
CA GLN A 213 24.78 -8.18 -12.62
C GLN A 213 24.72 -6.67 -12.64
N ARG A 214 25.87 -6.01 -12.51
CA ARG A 214 25.95 -4.55 -12.63
C ARG A 214 25.46 -4.04 -13.97
N ALA A 215 25.78 -4.75 -15.05
CA ALA A 215 25.37 -4.37 -16.40
C ALA A 215 23.88 -4.60 -16.58
N ASP A 216 23.36 -5.70 -16.01
CA ASP A 216 21.94 -6.02 -16.09
C ASP A 216 21.12 -4.90 -15.45
N VAL A 217 21.53 -4.49 -14.24
CA VAL A 217 20.88 -3.40 -13.53
C VAL A 217 20.97 -2.08 -14.33
N GLU A 218 22.18 -1.71 -14.78
CA GLU A 218 22.35 -0.48 -15.57
C GLU A 218 21.49 -0.46 -16.84
N SER A 219 21.25 -1.64 -17.42
CA SER A 219 20.36 -1.76 -18.58
C SER A 219 18.89 -1.43 -18.26
N MET A 220 18.53 -1.48 -16.96
CA MET A 220 17.20 -1.03 -16.51
C MET A 220 17.15 0.47 -16.27
N ILE A 221 18.29 1.14 -16.36
CA ILE A 221 18.38 2.57 -16.07
C ILE A 221 18.61 3.35 -17.36
N PRO A 222 17.58 4.10 -17.82
CA PRO A 222 17.76 4.90 -19.04
C PRO A 222 19.00 5.82 -19.02
N MET A 223 19.30 6.45 -17.89
CA MET A 223 20.50 7.33 -17.79
C MET A 223 21.83 6.54 -17.79
N GLY A 224 21.76 5.22 -17.63
CA GLY A 224 22.91 4.34 -17.84
C GLY A 224 23.85 4.18 -16.66
N TYR A 225 23.52 4.78 -15.51
CA TYR A 225 24.31 4.61 -14.28
C TYR A 225 23.50 4.41 -13.00
N ILE A 226 24.06 3.61 -12.10
CA ILE A 226 23.49 3.39 -10.75
C ILE A 226 23.64 4.67 -9.93
N GLY A 227 22.53 5.09 -9.29
CA GLY A 227 22.51 6.34 -8.58
C GLY A 227 23.51 6.41 -7.43
N LYS A 228 24.09 7.58 -7.22
CA LYS A 228 24.93 7.78 -6.06
C LYS A 228 24.04 8.28 -4.93
N PRO A 229 24.21 7.75 -3.71
CA PRO A 229 23.36 8.15 -2.58
C PRO A 229 23.21 9.67 -2.39
N GLU A 230 24.24 10.44 -2.74
CA GLU A 230 24.15 11.91 -2.63
C GLU A 230 23.12 12.55 -3.58
N GLU A 231 22.79 11.86 -4.67
CA GLU A 231 21.79 12.37 -5.61
C GLU A 231 20.37 12.28 -4.99
N VAL A 232 20.19 11.30 -4.12
CA VAL A 232 18.95 11.14 -3.37
C VAL A 232 18.90 12.12 -2.21
N ALA A 233 20.04 12.25 -1.50
CA ALA A 233 20.15 13.25 -0.45
C ALA A 233 19.93 14.68 -0.95
N ALA A 234 20.36 14.97 -2.17
CA ALA A 234 20.03 16.26 -2.80
C ALA A 234 18.50 16.51 -2.93
N VAL A 235 17.75 15.45 -3.20
CA VAL A 235 16.27 15.53 -3.32
C VAL A 235 15.66 15.79 -1.94
N ALA A 236 16.18 15.09 -0.92
CA ALA A 236 15.75 15.26 0.46
C ALA A 236 15.95 16.69 0.99
N ALA A 237 17.13 17.27 0.73
CA ALA A 237 17.42 18.65 1.11
C ALA A 237 16.45 19.64 0.44
N PHE A 238 16.22 19.47 -0.86
CA PHE A 238 15.26 20.30 -1.57
C PHE A 238 13.87 20.19 -0.92
N LEU A 239 13.38 18.95 -0.75
CA LEU A 239 12.07 18.69 -0.18
C LEU A 239 11.88 19.22 1.24
N ALA A 240 12.95 19.15 2.04
CA ALA A 240 12.93 19.62 3.41
C ALA A 240 12.94 21.13 3.51
N SER A 241 13.51 21.79 2.50
CA SER A 241 13.72 23.22 2.53
C SER A 241 12.48 24.00 2.14
N SER A 242 12.52 25.30 2.40
CA SER A 242 11.43 26.18 2.05
C SER A 242 11.42 26.45 0.55
N GLN A 243 12.37 25.89 -0.19
CA GLN A 243 12.32 25.96 -1.65
C GLN A 243 11.16 25.11 -2.18
N ALA A 244 10.82 24.06 -1.44
CA ALA A 244 9.68 23.21 -1.73
C ALA A 244 8.40 23.62 -0.96
N SER A 245 8.30 24.90 -0.61
CA SER A 245 7.18 25.40 0.21
C SER A 245 5.78 25.05 -0.29
N TYR A 246 5.59 25.03 -1.62
CA TYR A 246 4.29 24.69 -2.22
C TYR A 246 4.15 23.22 -2.68
N VAL A 247 5.14 22.40 -2.30
CA VAL A 247 5.21 21.00 -2.73
C VAL A 247 4.81 20.06 -1.59
N THR A 248 3.65 19.43 -1.75
CA THR A 248 3.19 18.46 -0.75
C THR A 248 2.41 17.33 -1.38
N GLY A 249 2.50 16.17 -0.76
CA GLY A 249 1.76 14.98 -1.18
C GLY A 249 2.32 14.31 -2.45
N ILE A 250 3.56 14.64 -2.82
CA ILE A 250 4.09 14.09 -4.09
C ILE A 250 5.04 12.94 -3.85
N THR A 251 5.29 12.15 -4.90
CA THR A 251 6.48 11.30 -4.91
C THR A 251 7.45 11.85 -5.97
N LEU A 252 8.65 12.19 -5.54
CA LEU A 252 9.69 12.67 -6.42
C LEU A 252 10.60 11.48 -6.71
N PHE A 253 10.43 10.89 -7.88
CA PHE A 253 11.28 9.77 -8.28
C PHE A 253 12.67 10.28 -8.62
N ALA A 254 13.70 9.62 -8.08
CA ALA A 254 15.09 9.89 -8.47
C ALA A 254 15.65 8.55 -8.92
N ASP A 255 15.46 8.24 -10.20
CA ASP A 255 15.65 6.88 -10.65
C ASP A 255 16.36 6.79 -12.00
N GLY A 256 16.89 7.92 -12.48
CA GLY A 256 17.50 7.96 -13.81
C GLY A 256 16.60 7.50 -14.96
N GLY A 257 15.28 7.58 -14.74
CA GLY A 257 14.27 7.26 -15.75
C GLY A 257 13.64 5.87 -15.64
N MET A 258 13.97 5.13 -14.58
CA MET A 258 13.51 3.73 -14.46
C MET A 258 11.98 3.55 -14.52
N THR A 259 11.21 4.46 -13.91
CA THR A 259 9.74 4.40 -13.98
C THR A 259 9.17 4.64 -15.39
N LYS A 260 10.01 5.09 -16.31
CA LYS A 260 9.56 5.36 -17.68
C LYS A 260 9.56 4.13 -18.61
N TYR A 261 9.76 2.94 -18.05
CA TYR A 261 9.61 1.65 -18.76
C TYR A 261 10.87 1.35 -19.62
N PRO A 262 11.95 0.88 -18.98
CA PRO A 262 13.24 0.71 -19.70
C PRO A 262 13.16 -0.21 -20.92
N SER A 263 12.24 -1.16 -20.93
CA SER A 263 12.12 -2.11 -22.03
C SER A 263 11.68 -1.44 -23.33
N PHE A 264 11.21 -0.19 -23.25
CA PHE A 264 10.70 0.51 -24.41
C PHE A 264 11.68 1.46 -25.09
N GLN A 265 12.93 1.42 -24.67
CA GLN A 265 13.99 2.18 -25.34
C GLN A 265 14.12 1.74 -26.79
N ALA A 266 14.52 2.66 -27.66
CA ALA A 266 14.68 2.41 -29.10
C ALA A 266 13.39 2.02 -29.85
N GLY A 267 12.24 2.38 -29.28
CA GLY A 267 10.92 2.18 -29.92
C GLY A 267 10.42 0.74 -30.05
N ARG A 268 10.83 -0.13 -29.14
CA ARG A 268 10.41 -1.54 -29.11
C ARG A 268 8.91 -1.75 -28.85
N GLY A 269 8.46 -3.00 -28.96
CA GLY A 269 7.09 -3.39 -28.64
C GLY A 269 6.00 -2.85 -29.53
N HIS B 8 -28.63 -15.99 -19.02
CA HIS B 8 -27.27 -16.50 -18.71
C HIS B 8 -26.20 -15.82 -19.55
N MET B 9 -25.52 -14.85 -18.95
CA MET B 9 -24.60 -13.96 -19.67
C MET B 9 -23.24 -14.62 -20.00
N TYR B 10 -22.46 -14.94 -18.97
CA TYR B 10 -21.14 -15.54 -19.16
C TYR B 10 -21.17 -17.06 -19.01
N THR B 11 -21.56 -17.74 -20.08
CA THR B 11 -21.77 -19.20 -20.07
C THR B 11 -20.54 -19.95 -19.56
N ASP B 12 -19.36 -19.34 -19.76
CA ASP B 12 -18.09 -19.96 -19.36
C ASP B 12 -17.91 -20.00 -17.83
N LEU B 13 -18.76 -19.27 -17.11
CA LEU B 13 -18.70 -19.24 -15.65
C LEU B 13 -19.47 -20.40 -15.00
N LYS B 14 -20.35 -21.05 -15.76
CA LYS B 14 -21.15 -22.18 -15.27
C LYS B 14 -20.22 -23.20 -14.63
N ASP B 15 -20.57 -23.62 -13.43
CA ASP B 15 -19.82 -24.65 -12.66
C ASP B 15 -18.39 -24.30 -12.28
N LYS B 16 -18.01 -23.03 -12.41
CA LYS B 16 -16.72 -22.58 -11.90
C LYS B 16 -16.82 -22.42 -10.38
N VAL B 17 -15.77 -22.78 -9.66
CA VAL B 17 -15.72 -22.59 -8.21
C VAL B 17 -15.20 -21.18 -7.84
N VAL B 18 -16.09 -20.35 -7.28
CA VAL B 18 -15.79 -18.96 -6.88
C VAL B 18 -15.84 -18.77 -5.35
N VAL B 19 -14.68 -18.53 -4.73
CA VAL B 19 -14.59 -18.23 -3.28
C VAL B 19 -14.65 -16.71 -3.01
N ILE B 20 -15.49 -16.30 -2.06
CA ILE B 20 -15.71 -14.89 -1.76
C ILE B 20 -15.63 -14.57 -0.26
N THR B 21 -14.57 -13.89 0.17
CA THR B 21 -14.47 -13.48 1.57
C THR B 21 -15.40 -12.30 1.81
N GLY B 22 -15.97 -12.24 3.03
CA GLY B 22 -17.04 -11.27 3.36
C GLY B 22 -18.20 -11.36 2.38
N GLY B 23 -18.56 -12.58 2.00
CA GLY B 23 -19.59 -12.78 0.97
C GLY B 23 -21.02 -12.81 1.48
N SER B 24 -21.21 -12.58 2.77
CA SER B 24 -22.53 -12.64 3.39
C SER B 24 -23.28 -11.30 3.37
N THR B 25 -22.56 -10.18 3.21
CA THR B 25 -23.20 -8.86 3.21
C THR B 25 -22.68 -7.99 2.05
N GLY B 26 -23.45 -6.96 1.72
CA GLY B 26 -23.02 -5.90 0.81
C GLY B 26 -22.50 -6.38 -0.54
N LEU B 27 -21.29 -5.94 -0.88
CA LEU B 27 -20.72 -6.21 -2.20
C LEU B 27 -20.42 -7.69 -2.38
N GLY B 28 -19.95 -8.33 -1.30
CA GLY B 28 -19.61 -9.76 -1.35
C GLY B 28 -20.85 -10.59 -1.62
N ARG B 29 -21.95 -10.22 -0.96
CA ARG B 29 -23.25 -10.84 -1.17
C ARG B 29 -23.72 -10.64 -2.62
N ALA B 30 -23.72 -9.40 -3.09
CA ALA B 30 -24.06 -9.10 -4.49
C ALA B 30 -23.22 -9.92 -5.47
N MET B 31 -21.93 -10.07 -5.20
CA MET B 31 -21.09 -10.89 -6.07
C MET B 31 -21.50 -12.36 -5.98
N ALA B 32 -21.79 -12.83 -4.75
CA ALA B 32 -22.24 -14.21 -4.51
C ALA B 32 -23.48 -14.54 -5.35
N VAL B 33 -24.48 -13.66 -5.25
CA VAL B 33 -25.73 -13.75 -6.01
C VAL B 33 -25.48 -13.79 -7.53
N ARG B 34 -24.72 -12.81 -8.02
CA ARG B 34 -24.39 -12.72 -9.43
C ARG B 34 -23.71 -13.96 -9.99
N PHE B 35 -22.75 -14.53 -9.27
CA PHE B 35 -22.11 -15.74 -9.75
C PHE B 35 -23.06 -16.95 -9.68
N GLY B 36 -24.01 -16.88 -8.75
CA GLY B 36 -25.13 -17.80 -8.71
C GLY B 36 -25.96 -17.66 -9.98
N GLN B 37 -26.21 -16.42 -10.40
CA GLN B 37 -26.94 -16.16 -11.64
C GLN B 37 -26.23 -16.70 -12.87
N GLU B 38 -24.92 -16.89 -12.76
CA GLU B 38 -24.10 -17.46 -13.83
C GLU B 38 -23.94 -18.96 -13.62
N GLU B 39 -24.70 -19.50 -12.67
CA GLU B 39 -24.71 -20.94 -12.36
C GLU B 39 -23.35 -21.44 -11.92
N ALA B 40 -22.65 -20.62 -11.12
CA ALA B 40 -21.37 -21.02 -10.55
C ALA B 40 -21.54 -21.71 -9.19
N LYS B 41 -20.45 -22.32 -8.72
CA LYS B 41 -20.36 -22.87 -7.37
C LYS B 41 -19.68 -21.86 -6.42
N VAL B 42 -20.51 -21.11 -5.69
CA VAL B 42 -20.07 -20.04 -4.80
C VAL B 42 -19.76 -20.51 -3.37
N VAL B 43 -18.53 -20.27 -2.90
CA VAL B 43 -18.16 -20.53 -1.51
C VAL B 43 -18.22 -19.20 -0.73
N ILE B 44 -19.15 -19.13 0.21
CA ILE B 44 -19.37 -17.89 0.96
C ILE B 44 -18.63 -17.89 2.30
N ASN B 45 -17.51 -17.16 2.37
CA ASN B 45 -16.82 -16.99 3.64
C ASN B 45 -17.53 -15.89 4.45
N TYR B 46 -17.51 -16.03 5.77
CA TYR B 46 -18.10 -15.05 6.69
C TYR B 46 -17.34 -15.12 8.00
N TYR B 47 -17.40 -14.06 8.79
CA TYR B 47 -16.67 -14.02 10.04
C TYR B 47 -17.59 -14.25 11.24
N ASN B 48 -18.70 -13.53 11.24
CA ASN B 48 -19.40 -13.16 12.45
C ASN B 48 -20.83 -13.67 12.52
N ASN B 49 -21.52 -13.60 11.39
CA ASN B 49 -22.95 -13.74 11.44
C ASN B 49 -23.46 -14.82 10.50
N GLU B 50 -23.61 -16.02 11.06
CA GLU B 50 -24.06 -17.19 10.34
C GLU B 50 -25.43 -16.95 9.71
N GLU B 51 -26.31 -16.25 10.44
CA GLU B 51 -27.68 -16.04 9.98
C GLU B 51 -27.76 -15.24 8.67
N GLU B 52 -26.89 -14.23 8.54
N GLU B 52 -26.89 -14.24 8.53
CA GLU B 52 -26.73 -13.50 7.27
CA GLU B 52 -26.74 -13.50 7.27
C GLU B 52 -26.19 -14.39 6.17
C GLU B 52 -26.17 -14.37 6.16
N ALA B 53 -25.12 -15.13 6.49
CA ALA B 53 -24.49 -16.06 5.54
C ALA B 53 -25.50 -17.10 5.04
N LEU B 54 -26.32 -17.61 5.95
CA LEU B 54 -27.42 -18.52 5.59
C LEU B 54 -28.42 -17.86 4.64
N ASP B 55 -28.83 -16.64 4.96
CA ASP B 55 -29.76 -15.89 4.11
C ASP B 55 -29.20 -15.68 2.70
N ALA B 56 -27.88 -15.47 2.63
CA ALA B 56 -27.16 -15.29 1.37
C ALA B 56 -27.00 -16.60 0.60
N LYS B 57 -26.62 -17.65 1.31
CA LYS B 57 -26.52 -18.99 0.71
C LYS B 57 -27.80 -19.33 -0.04
N LYS B 58 -28.93 -18.89 0.52
CA LYS B 58 -30.24 -19.12 -0.08
C LYS B 58 -30.41 -18.39 -1.41
N GLU B 59 -30.04 -17.10 -1.43
CA GLU B 59 -30.13 -16.30 -2.65
C GLU B 59 -29.34 -16.90 -3.80
N VAL B 60 -28.14 -17.37 -3.51
CA VAL B 60 -27.27 -17.98 -4.52
C VAL B 60 -27.96 -19.20 -5.13
N GLU B 61 -28.58 -20.00 -4.26
CA GLU B 61 -29.30 -21.21 -4.67
C GLU B 61 -30.54 -20.88 -5.49
N GLU B 62 -31.31 -19.89 -5.05
CA GLU B 62 -32.48 -19.42 -5.80
C GLU B 62 -32.10 -18.83 -7.17
N ALA B 63 -31.00 -18.07 -7.21
CA ALA B 63 -30.53 -17.45 -8.45
C ALA B 63 -30.01 -18.47 -9.47
N GLY B 64 -29.86 -19.72 -9.05
CA GLY B 64 -29.44 -20.79 -9.94
C GLY B 64 -28.08 -21.36 -9.68
N GLY B 65 -27.48 -21.01 -8.54
CA GLY B 65 -26.14 -21.51 -8.20
C GLY B 65 -26.09 -22.55 -7.09
N GLN B 66 -24.90 -23.10 -6.88
CA GLN B 66 -24.60 -23.96 -5.75
C GLN B 66 -23.75 -23.18 -4.73
N ALA B 67 -24.00 -23.42 -3.45
CA ALA B 67 -23.37 -22.61 -2.40
C ALA B 67 -23.14 -23.36 -1.09
N ILE B 68 -21.97 -23.13 -0.50
CA ILE B 68 -21.69 -23.47 0.89
C ILE B 68 -21.37 -22.18 1.66
N ILE B 69 -21.37 -22.27 2.99
CA ILE B 69 -20.83 -21.20 3.84
C ILE B 69 -19.69 -21.75 4.68
N VAL B 70 -18.66 -20.94 4.88
CA VAL B 70 -17.49 -21.37 5.64
C VAL B 70 -17.09 -20.22 6.56
N GLN B 71 -17.12 -20.46 7.86
CA GLN B 71 -16.67 -19.44 8.82
C GLN B 71 -15.15 -19.31 8.73
N GLY B 72 -14.67 -18.07 8.84
CA GLY B 72 -13.23 -17.79 8.86
C GLY B 72 -12.90 -16.32 9.10
N ASP B 73 -11.82 -16.09 9.82
CA ASP B 73 -11.28 -14.76 10.07
C ASP B 73 -10.12 -14.62 9.09
N VAL B 74 -10.18 -13.61 8.21
CA VAL B 74 -9.16 -13.46 7.15
C VAL B 74 -7.79 -13.02 7.67
N THR B 75 -7.75 -12.56 8.92
CA THR B 75 -6.49 -12.19 9.59
C THR B 75 -5.78 -13.41 10.23
N LYS B 76 -6.38 -14.59 10.08
CA LYS B 76 -5.80 -15.83 10.60
C LYS B 76 -5.40 -16.75 9.45
N GLU B 77 -4.11 -17.06 9.35
CA GLU B 77 -3.59 -17.84 8.22
C GLU B 77 -4.32 -19.18 8.09
N GLU B 78 -4.49 -19.86 9.21
CA GLU B 78 -5.15 -21.17 9.24
C GLU B 78 -6.56 -21.10 8.65
N ASP B 79 -7.28 -20.00 8.93
CA ASP B 79 -8.64 -19.80 8.44
C ASP B 79 -8.69 -19.60 6.92
N VAL B 80 -7.74 -18.85 6.39
CA VAL B 80 -7.64 -18.66 4.93
C VAL B 80 -7.24 -19.96 4.22
N VAL B 81 -6.23 -20.65 4.75
CA VAL B 81 -5.83 -21.97 4.23
C VAL B 81 -6.99 -22.95 4.28
N ASN B 82 -7.68 -22.99 5.43
CA ASN B 82 -8.86 -23.83 5.61
C ASN B 82 -9.93 -23.53 4.54
N LEU B 83 -10.17 -22.23 4.30
CA LEU B 83 -11.22 -21.79 3.35
C LEU B 83 -11.02 -22.34 1.94
N VAL B 84 -9.80 -22.23 1.43
CA VAL B 84 -9.47 -22.71 0.08
C VAL B 84 -9.54 -24.24 0.06
N GLN B 85 -9.01 -24.87 1.11
CA GLN B 85 -9.07 -26.34 1.26
C GLN B 85 -10.50 -26.88 1.34
N THR B 86 -11.40 -26.16 2.03
CA THR B 86 -12.83 -26.50 2.10
C THR B 86 -13.46 -26.40 0.72
N ALA B 87 -13.19 -25.30 0.01
CA ALA B 87 -13.66 -25.11 -1.37
C ALA B 87 -13.27 -26.29 -2.29
N ILE B 88 -12.02 -26.74 -2.18
CA ILE B 88 -11.52 -27.88 -2.96
C ILE B 88 -12.15 -29.21 -2.50
N LYS B 89 -12.42 -29.34 -1.20
CA LYS B 89 -13.12 -30.53 -0.68
C LYS B 89 -14.56 -30.58 -1.23
N GLU B 90 -15.31 -29.52 -1.00
CA GLU B 90 -16.73 -29.49 -1.27
C GLU B 90 -17.09 -29.47 -2.74
N PHE B 91 -16.29 -28.75 -3.53
CA PHE B 91 -16.63 -28.54 -4.94
C PHE B 91 -15.65 -29.14 -5.95
N GLY B 92 -14.51 -29.66 -5.47
CA GLY B 92 -13.57 -30.38 -6.33
C GLY B 92 -12.38 -29.59 -6.86
N THR B 93 -12.48 -28.26 -6.87
CA THR B 93 -11.41 -27.39 -7.37
C THR B 93 -11.63 -25.92 -6.98
N LEU B 94 -10.78 -25.02 -7.50
CA LEU B 94 -10.94 -23.58 -7.32
C LEU B 94 -10.66 -22.87 -8.65
N ASP B 95 -11.55 -21.96 -9.05
CA ASP B 95 -11.36 -21.21 -10.30
C ASP B 95 -11.20 -19.71 -10.12
N VAL B 96 -11.99 -19.14 -9.21
CA VAL B 96 -11.96 -17.70 -8.95
C VAL B 96 -11.87 -17.45 -7.44
N MET B 97 -10.87 -16.69 -7.04
CA MET B 97 -10.69 -16.26 -5.64
C MET B 97 -10.92 -14.77 -5.51
N ILE B 98 -11.96 -14.41 -4.78
CA ILE B 98 -12.36 -13.02 -4.56
C ILE B 98 -12.10 -12.59 -3.10
N ASN B 99 -11.07 -11.77 -2.90
CA ASN B 99 -10.77 -11.21 -1.57
C ASN B 99 -11.48 -9.89 -1.29
N ASN B 100 -12.63 -9.97 -0.60
CA ASN B 100 -13.54 -8.85 -0.49
C ASN B 100 -13.69 -8.26 0.91
N ALA B 101 -13.34 -9.03 1.94
CA ALA B 101 -13.41 -8.59 3.35
C ALA B 101 -12.66 -7.29 3.58
N GLY B 102 -13.28 -6.38 4.32
CA GLY B 102 -12.66 -5.11 4.66
C GLY B 102 -13.34 -4.45 5.84
N VAL B 103 -12.57 -3.63 6.57
CA VAL B 103 -13.07 -2.83 7.69
C VAL B 103 -12.48 -1.41 7.63
N GLU B 104 -13.10 -0.47 8.34
CA GLU B 104 -12.64 0.93 8.34
C GLU B 104 -13.29 1.67 9.48
N ASN B 105 -12.65 2.74 9.95
CA ASN B 105 -13.24 3.65 10.94
C ASN B 105 -12.49 4.96 10.90
N PRO B 106 -13.20 6.10 11.09
CA PRO B 106 -12.52 7.41 11.07
C PRO B 106 -11.74 7.73 12.35
N VAL B 107 -10.49 8.18 12.21
CA VAL B 107 -9.65 8.67 13.32
C VAL B 107 -8.66 9.69 12.74
N PRO B 108 -8.57 10.89 13.34
CA PRO B 108 -7.49 11.80 12.93
C PRO B 108 -6.17 11.04 12.94
N SER B 109 -5.38 11.16 11.87
CA SER B 109 -4.23 10.25 11.71
C SER B 109 -3.23 10.32 12.86
N HIS B 110 -3.01 11.54 13.36
CA HIS B 110 -2.07 11.74 14.47
C HIS B 110 -2.57 11.17 15.78
N GLU B 111 -3.83 10.70 15.78
CA GLU B 111 -4.43 10.04 16.93
C GLU B 111 -4.70 8.55 16.67
N LEU B 112 -4.28 8.03 15.52
CA LEU B 112 -4.54 6.61 15.22
C LEU B 112 -3.61 5.71 15.99
N SER B 113 -4.19 4.74 16.69
CA SER B 113 -3.39 3.80 17.46
C SER B 113 -2.78 2.73 16.54
N LEU B 114 -1.65 2.17 16.96
CA LEU B 114 -1.01 1.08 16.21
C LEU B 114 -1.92 -0.14 16.06
N ASP B 115 -2.62 -0.55 17.13
CA ASP B 115 -3.55 -1.70 17.06
C ASP B 115 -4.68 -1.46 16.06
N ASN B 116 -5.16 -0.23 16.01
CA ASN B 116 -6.26 0.12 15.08
C ASN B 116 -5.72 0.13 13.64
N TRP B 117 -4.54 0.72 13.46
CA TRP B 117 -3.82 0.67 12.17
C TRP B 117 -3.59 -0.77 11.75
N ASN B 118 -3.08 -1.59 12.66
CA ASN B 118 -2.85 -3.02 12.36
C ASN B 118 -4.08 -3.79 11.98
N LYS B 119 -5.20 -3.52 12.65
CA LYS B 119 -6.45 -4.23 12.39
C LYS B 119 -6.91 -4.01 10.94
N VAL B 120 -6.86 -2.77 10.49
CA VAL B 120 -7.25 -2.43 9.14
C VAL B 120 -6.28 -3.00 8.06
N ILE B 121 -4.96 -2.88 8.30
CA ILE B 121 -3.94 -3.43 7.39
C ILE B 121 -4.05 -4.97 7.33
N ASP B 122 -4.13 -5.60 8.50
CA ASP B 122 -4.25 -7.05 8.59
C ASP B 122 -5.45 -7.56 7.83
N THR B 123 -6.58 -6.88 7.99
CA THR B 123 -7.84 -7.31 7.39
C THR B 123 -7.83 -7.00 5.90
N ASN B 124 -7.55 -5.74 5.56
CA ASN B 124 -7.79 -5.26 4.20
C ASN B 124 -6.73 -5.68 3.20
N LEU B 125 -5.49 -5.78 3.66
CA LEU B 125 -4.35 -6.01 2.75
C LEU B 125 -3.75 -7.39 2.94
N THR B 126 -3.30 -7.66 4.17
CA THR B 126 -2.72 -8.97 4.50
C THR B 126 -3.67 -10.15 4.27
N GLY B 127 -4.96 -9.96 4.61
CA GLY B 127 -5.99 -10.97 4.33
C GLY B 127 -6.09 -11.25 2.83
N ALA B 128 -6.05 -10.19 2.02
CA ALA B 128 -6.06 -10.37 0.56
C ALA B 128 -4.76 -11.03 0.06
N PHE B 129 -3.61 -10.70 0.66
CA PHE B 129 -2.37 -11.41 0.34
C PHE B 129 -2.51 -12.90 0.62
N LEU B 130 -2.93 -13.23 1.84
CA LEU B 130 -3.15 -14.64 2.21
C LEU B 130 -4.12 -15.31 1.24
N GLY B 131 -5.23 -14.63 0.93
CA GLY B 131 -6.19 -15.17 -0.02
C GLY B 131 -5.56 -15.45 -1.37
N SER B 132 -4.87 -14.45 -1.88
CA SER B 132 -4.23 -14.50 -3.20
C SER B 132 -3.16 -15.57 -3.24
N ARG B 133 -2.33 -15.64 -2.19
CA ARG B 133 -1.26 -16.61 -2.11
C ARG B 133 -1.78 -18.05 -2.17
N GLU B 134 -2.80 -18.36 -1.37
CA GLU B 134 -3.33 -19.72 -1.28
C GLU B 134 -3.98 -20.16 -2.58
N ALA B 135 -4.75 -19.26 -3.21
CA ALA B 135 -5.32 -19.53 -4.52
C ALA B 135 -4.25 -19.77 -5.59
N ILE B 136 -3.28 -18.87 -5.69
CA ILE B 136 -2.23 -18.97 -6.71
C ILE B 136 -1.39 -20.24 -6.54
N LYS B 137 -1.04 -20.55 -5.29
CA LYS B 137 -0.39 -21.81 -4.90
C LYS B 137 -1.15 -23.01 -5.48
N TYR B 138 -2.48 -22.97 -5.36
CA TYR B 138 -3.30 -24.05 -5.88
C TYR B 138 -3.30 -24.05 -7.43
N PHE B 139 -3.34 -22.86 -8.03
CA PHE B 139 -3.31 -22.75 -9.50
C PHE B 139 -2.00 -23.25 -10.10
N VAL B 140 -0.89 -22.89 -9.46
CA VAL B 140 0.44 -23.24 -9.96
C VAL B 140 0.68 -24.75 -9.86
N GLU B 141 0.38 -25.32 -8.69
CA GLU B 141 0.60 -26.75 -8.45
C GLU B 141 -0.28 -27.64 -9.34
N ASN B 142 -1.43 -27.11 -9.74
CA ASN B 142 -2.40 -27.88 -10.53
C ASN B 142 -2.62 -27.41 -11.97
N ASP B 143 -1.69 -26.60 -12.49
CA ASP B 143 -1.73 -26.10 -13.87
C ASP B 143 -3.07 -25.50 -14.29
N ILE B 144 -3.71 -24.75 -13.39
CA ILE B 144 -5.01 -24.13 -13.65
C ILE B 144 -4.87 -22.64 -13.98
N LYS B 145 -5.56 -22.20 -15.04
CA LYS B 145 -5.52 -20.80 -15.43
C LYS B 145 -6.57 -20.03 -14.63
N GLY B 146 -6.29 -19.95 -13.33
CA GLY B 146 -7.17 -19.34 -12.37
C GLY B 146 -7.21 -17.82 -12.44
N ASN B 147 -8.01 -17.26 -11.55
CA ASN B 147 -8.37 -15.86 -11.59
C ASN B 147 -8.49 -15.34 -10.15
N VAL B 148 -7.92 -14.15 -9.90
CA VAL B 148 -8.06 -13.50 -8.61
C VAL B 148 -8.64 -12.09 -8.79
N ILE B 149 -9.68 -11.79 -8.03
CA ILE B 149 -10.23 -10.46 -7.96
C ILE B 149 -10.03 -9.92 -6.56
N ASN B 150 -9.24 -8.84 -6.44
CA ASN B 150 -9.05 -8.20 -5.16
C ASN B 150 -9.93 -6.95 -5.09
N MET B 151 -10.73 -6.87 -4.03
CA MET B 151 -11.67 -5.75 -3.88
CA MET B 151 -11.67 -5.78 -3.84
C MET B 151 -11.00 -4.59 -3.16
N SER B 152 -10.76 -3.56 -3.96
CA SER B 152 -10.03 -2.39 -3.55
C SER B 152 -11.01 -1.25 -3.30
N SER B 153 -10.74 -0.07 -3.85
CA SER B 153 -11.53 1.13 -3.55
C SER B 153 -11.02 2.27 -4.41
N VAL B 154 -11.87 3.28 -4.64
CA VAL B 154 -11.42 4.57 -5.17
C VAL B 154 -10.22 5.05 -4.35
N HIS B 155 -10.20 4.66 -3.07
CA HIS B 155 -9.13 5.04 -2.15
C HIS B 155 -7.79 4.31 -2.27
N GLU B 156 -7.60 3.49 -3.31
CA GLU B 156 -6.22 3.18 -3.75
C GLU B 156 -5.65 4.32 -4.60
N MET B 157 -6.49 5.28 -4.96
CA MET B 157 -6.03 6.44 -5.72
C MET B 157 -6.40 7.75 -5.01
N ILE B 158 -7.59 7.80 -4.44
CA ILE B 158 -8.06 8.98 -3.74
C ILE B 158 -7.57 8.92 -2.29
N PRO B 159 -6.75 9.90 -1.85
CA PRO B 159 -6.35 9.90 -0.44
C PRO B 159 -7.56 10.13 0.49
N TRP B 160 -7.47 9.69 1.75
CA TRP B 160 -8.65 9.70 2.63
C TRP B 160 -8.33 10.09 4.04
N PRO B 161 -8.27 11.41 4.31
CA PRO B 161 -8.01 11.88 5.68
C PRO B 161 -8.98 11.22 6.67
N LEU B 162 -8.51 10.95 7.88
CA LEU B 162 -9.27 10.17 8.89
C LEU B 162 -9.28 8.67 8.63
N PHE B 163 -8.81 8.28 7.45
CA PHE B 163 -8.81 6.89 7.06
C PHE B 163 -7.45 6.50 6.46
N VAL B 164 -6.35 6.95 7.08
CA VAL B 164 -5.02 6.72 6.51
C VAL B 164 -4.71 5.23 6.47
N HIS B 165 -5.20 4.48 7.46
CA HIS B 165 -5.04 3.01 7.45
C HIS B 165 -5.72 2.35 6.27
N TYR B 166 -6.96 2.76 6.01
CA TYR B 166 -7.71 2.22 4.88
C TYR B 166 -7.02 2.53 3.55
N ALA B 167 -6.68 3.80 3.34
CA ALA B 167 -6.05 4.27 2.12
C ALA B 167 -4.76 3.49 1.88
N ALA B 168 -3.93 3.38 2.91
CA ALA B 168 -2.67 2.63 2.83
C ALA B 168 -2.90 1.17 2.47
N SER B 169 -3.93 0.54 3.06
CA SER B 169 -4.18 -0.86 2.77
C SER B 169 -4.55 -1.11 1.29
N LYS B 170 -5.33 -0.19 0.71
CA LYS B 170 -5.72 -0.29 -0.70
C LYS B 170 -4.60 0.15 -1.68
N GLY B 171 -3.82 1.18 -1.31
CA GLY B 171 -2.65 1.52 -2.11
C GLY B 171 -1.71 0.32 -2.14
N GLY B 172 -1.63 -0.38 -1.01
CA GLY B 172 -0.77 -1.58 -0.92
C GLY B 172 -1.36 -2.70 -1.75
N MET B 173 -2.69 -2.85 -1.68
CA MET B 173 -3.41 -3.86 -2.46
C MET B 173 -3.17 -3.68 -3.97
N LYS B 174 -3.15 -2.42 -4.41
CA LYS B 174 -2.85 -2.11 -5.80
C LYS B 174 -1.51 -2.75 -6.23
N LEU B 175 -0.44 -2.44 -5.50
CA LEU B 175 0.88 -2.93 -5.90
C LEU B 175 1.03 -4.45 -5.74
N MET B 176 0.32 -5.00 -4.76
CA MET B 176 0.30 -6.45 -4.55
C MET B 176 -0.34 -7.10 -5.79
N THR B 177 -1.52 -6.61 -6.16
CA THR B 177 -2.22 -7.13 -7.34
C THR B 177 -1.35 -7.02 -8.60
N GLU B 178 -0.79 -5.83 -8.84
CA GLU B 178 0.01 -5.63 -10.03
C GLU B 178 1.22 -6.56 -10.12
N THR B 179 1.88 -6.76 -8.98
CA THR B 179 3.02 -7.65 -8.84
C THR B 179 2.67 -9.12 -9.12
N LEU B 180 1.58 -9.59 -8.51
CA LEU B 180 1.12 -10.96 -8.70
C LEU B 180 0.66 -11.17 -10.16
N ALA B 181 -0.01 -10.18 -10.74
CA ALA B 181 -0.39 -10.24 -12.15
C ALA B 181 0.83 -10.38 -13.05
N LEU B 182 1.85 -9.57 -12.80
CA LEU B 182 3.13 -9.67 -13.54
C LEU B 182 3.84 -11.00 -13.30
N GLU B 183 3.93 -11.39 -12.04
CA GLU B 183 4.63 -12.62 -11.66
C GLU B 183 3.97 -13.90 -12.21
N TYR B 184 2.63 -13.96 -12.22
CA TYR B 184 1.94 -15.18 -12.67
C TYR B 184 1.23 -15.09 -14.03
N ALA B 185 1.38 -13.95 -14.72
CA ALA B 185 0.92 -13.85 -16.12
C ALA B 185 1.45 -14.98 -17.05
N PRO B 186 2.74 -15.34 -16.95
CA PRO B 186 3.20 -16.39 -17.89
C PRO B 186 2.50 -17.74 -17.66
N LYS B 187 1.79 -17.87 -16.55
CA LYS B 187 1.08 -19.11 -16.26
C LYS B 187 -0.39 -19.00 -16.60
N GLY B 188 -0.78 -17.87 -17.18
CA GLY B 188 -2.19 -17.63 -17.50
C GLY B 188 -3.09 -17.34 -16.31
N ILE B 189 -2.49 -17.11 -15.14
CA ILE B 189 -3.26 -16.71 -13.96
C ILE B 189 -3.40 -15.20 -13.95
N ARG B 190 -4.64 -14.71 -13.96
CA ARG B 190 -4.91 -13.27 -13.99
C ARG B 190 -5.33 -12.73 -12.62
N VAL B 191 -4.89 -11.50 -12.32
CA VAL B 191 -5.12 -10.89 -11.01
C VAL B 191 -5.48 -9.44 -11.24
N ASN B 192 -6.68 -9.04 -10.83
CA ASN B 192 -7.18 -7.68 -10.99
C ASN B 192 -7.81 -7.15 -9.71
N ASN B 193 -7.89 -5.81 -9.62
CA ASN B 193 -8.65 -5.11 -8.57
C ASN B 193 -9.92 -4.52 -9.14
N ILE B 194 -10.97 -4.45 -8.30
CA ILE B 194 -12.10 -3.57 -8.55
C ILE B 194 -12.00 -2.42 -7.57
N GLY B 195 -12.27 -1.21 -8.06
CA GLY B 195 -12.32 -0.03 -7.22
C GLY B 195 -13.68 0.64 -7.10
N PRO B 196 -14.52 0.19 -6.13
CA PRO B 196 -15.82 0.84 -5.92
C PRO B 196 -15.69 2.24 -5.36
N GLY B 197 -16.60 3.13 -5.75
CA GLY B 197 -16.80 4.42 -5.05
C GLY B 197 -17.80 4.24 -3.91
N ALA B 198 -18.64 5.24 -3.66
CA ALA B 198 -19.66 5.15 -2.60
C ALA B 198 -20.81 4.24 -3.00
N MET B 199 -20.94 3.11 -2.29
CA MET B 199 -21.89 2.04 -2.60
C MET B 199 -22.93 1.86 -1.49
N ASN B 200 -24.15 1.48 -1.90
CA ASN B 200 -25.26 1.27 -0.97
C ASN B 200 -25.11 -0.08 -0.26
N THR B 201 -24.34 -0.09 0.83
CA THR B 201 -24.09 -1.30 1.60
C THR B 201 -24.24 -1.01 3.11
N PRO B 202 -24.28 -2.08 3.95
CA PRO B 202 -24.45 -1.95 5.41
C PRO B 202 -23.41 -1.04 6.06
N ILE B 203 -22.16 -1.14 5.63
CA ILE B 203 -21.06 -0.31 6.13
C ILE B 203 -21.36 1.19 6.01
N ASN B 204 -22.26 1.56 5.10
CA ASN B 204 -22.63 2.96 4.88
C ASN B 204 -24.04 3.34 5.34
N ALA B 205 -24.81 2.35 5.79
CA ALA B 205 -26.20 2.54 6.21
C ALA B 205 -26.39 3.68 7.23
N GLU B 206 -25.45 3.80 8.17
CA GLU B 206 -25.46 4.89 9.15
C GLU B 206 -25.34 6.24 8.45
N LYS B 207 -24.33 6.35 7.59
CA LYS B 207 -24.04 7.58 6.85
C LYS B 207 -25.21 8.00 5.95
N PHE B 208 -25.79 7.04 5.22
CA PHE B 208 -26.77 7.38 4.19
C PHE B 208 -28.19 7.61 4.72
N ALA B 209 -28.43 7.25 5.98
CA ALA B 209 -29.71 7.50 6.65
C ALA B 209 -29.90 9.00 6.87
N ASP B 210 -28.84 9.65 7.33
CA ASP B 210 -28.80 11.10 7.51
C ASP B 210 -28.88 11.79 6.14
N PRO B 211 -30.03 12.46 5.85
CA PRO B 211 -30.26 13.03 4.52
C PRO B 211 -29.26 14.13 4.15
N VAL B 212 -28.69 14.79 5.15
CA VAL B 212 -27.63 15.77 4.94
C VAL B 212 -26.36 15.06 4.46
N GLN B 213 -26.02 13.95 5.13
CA GLN B 213 -24.84 13.16 4.79
C GLN B 213 -24.98 12.42 3.46
N ARG B 214 -26.16 11.86 3.20
CA ARG B 214 -26.45 11.20 1.91
C ARG B 214 -26.29 12.20 0.75
N ALA B 215 -26.80 13.41 0.92
CA ALA B 215 -26.68 14.48 -0.09
C ALA B 215 -25.24 14.93 -0.34
N ASP B 216 -24.45 15.02 0.72
CA ASP B 216 -23.04 15.42 0.61
C ASP B 216 -22.23 14.38 -0.18
N VAL B 217 -22.45 13.09 0.13
CA VAL B 217 -21.82 11.99 -0.58
C VAL B 217 -22.22 11.99 -2.06
N GLU B 218 -23.51 12.22 -2.31
CA GLU B 218 -24.06 12.28 -3.67
C GLU B 218 -23.50 13.46 -4.47
N SER B 219 -23.28 14.59 -3.80
CA SER B 219 -22.65 15.76 -4.43
C SER B 219 -21.18 15.50 -4.82
N MET B 220 -20.62 14.37 -4.41
CA MET B 220 -19.25 14.00 -4.73
C MET B 220 -19.18 12.90 -5.79
N ILE B 221 -20.34 12.43 -6.25
CA ILE B 221 -20.42 11.44 -7.31
C ILE B 221 -20.88 12.20 -8.56
N PRO B 222 -20.04 12.24 -9.60
CA PRO B 222 -20.42 12.98 -10.81
C PRO B 222 -21.72 12.45 -11.44
N MET B 223 -21.87 11.13 -11.53
CA MET B 223 -23.09 10.49 -12.04
C MET B 223 -24.33 10.75 -11.18
N GLY B 224 -24.12 11.23 -9.96
CA GLY B 224 -25.19 11.78 -9.14
C GLY B 224 -25.93 10.80 -8.24
N TYR B 225 -25.61 9.52 -8.31
CA TYR B 225 -26.22 8.56 -7.38
C TYR B 225 -25.22 7.63 -6.73
N ILE B 226 -25.53 7.24 -5.48
CA ILE B 226 -24.81 6.21 -4.74
C ILE B 226 -24.94 4.88 -5.50
N GLY B 227 -23.82 4.20 -5.70
CA GLY B 227 -23.78 2.97 -6.48
C GLY B 227 -24.59 1.84 -5.88
N LYS B 228 -25.14 1.00 -6.75
CA LYS B 228 -25.88 -0.19 -6.33
C LYS B 228 -24.92 -1.37 -6.35
N PRO B 229 -24.95 -2.23 -5.32
CA PRO B 229 -23.99 -3.33 -5.23
C PRO B 229 -23.94 -4.26 -6.45
N GLU B 230 -25.04 -4.36 -7.19
CA GLU B 230 -25.06 -5.20 -8.41
C GLU B 230 -24.22 -4.62 -9.55
N GLU B 231 -24.05 -3.29 -9.57
CA GLU B 231 -23.20 -2.63 -10.55
C GLU B 231 -21.72 -3.05 -10.39
N VAL B 232 -21.31 -3.31 -9.15
CA VAL B 232 -19.98 -3.84 -8.87
C VAL B 232 -19.84 -5.33 -9.19
N ALA B 233 -20.86 -6.12 -8.84
CA ALA B 233 -20.87 -7.55 -9.16
C ALA B 233 -20.84 -7.82 -10.69
N ALA B 234 -21.48 -6.94 -11.46
CA ALA B 234 -21.36 -6.97 -12.93
C ALA B 234 -19.90 -6.83 -13.39
N VAL B 235 -19.14 -5.95 -12.72
CA VAL B 235 -17.70 -5.79 -13.01
C VAL B 235 -16.93 -7.06 -12.65
N ALA B 236 -17.28 -7.66 -11.52
CA ALA B 236 -16.62 -8.93 -11.09
C ALA B 236 -16.88 -10.10 -12.03
N ALA B 237 -18.12 -10.26 -12.46
CA ALA B 237 -18.47 -11.29 -13.46
C ALA B 237 -17.68 -11.12 -14.77
N PHE B 238 -17.61 -9.88 -15.26
CA PHE B 238 -16.77 -9.58 -16.42
C PHE B 238 -15.33 -10.06 -16.25
N LEU B 239 -14.69 -9.60 -15.16
CA LEU B 239 -13.27 -9.86 -14.91
C LEU B 239 -12.95 -11.33 -14.73
N ALA B 240 -13.83 -12.06 -14.04
CA ALA B 240 -13.66 -13.50 -13.86
C ALA B 240 -13.85 -14.27 -15.19
N SER B 241 -14.73 -13.75 -16.06
CA SER B 241 -15.03 -14.40 -17.35
C SER B 241 -13.89 -14.39 -18.39
N SER B 242 -14.05 -15.24 -19.40
CA SER B 242 -13.10 -15.34 -20.49
C SER B 242 -13.21 -14.12 -21.43
N GLN B 243 -14.27 -13.32 -21.28
CA GLN B 243 -14.37 -12.04 -21.98
C GLN B 243 -13.18 -11.13 -21.68
N ALA B 244 -12.67 -11.22 -20.45
CA ALA B 244 -11.53 -10.42 -20.00
C ALA B 244 -10.22 -11.19 -20.09
N SER B 245 -10.11 -12.08 -21.09
CA SER B 245 -8.92 -12.93 -21.21
C SER B 245 -7.56 -12.23 -21.34
N TYR B 246 -7.54 -11.03 -21.92
CA TYR B 246 -6.29 -10.27 -22.07
C TYR B 246 -6.15 -9.20 -20.98
N VAL B 247 -7.00 -9.27 -19.97
CA VAL B 247 -7.04 -8.22 -18.95
C VAL B 247 -6.48 -8.75 -17.64
N THR B 248 -5.32 -8.21 -17.27
CA THR B 248 -4.66 -8.57 -16.01
C THR B 248 -3.87 -7.38 -15.46
N GLY B 249 -3.79 -7.33 -14.13
CA GLY B 249 -3.01 -6.30 -13.44
C GLY B 249 -3.66 -4.94 -13.38
N ILE B 250 -4.95 -4.86 -13.71
CA ILE B 250 -5.61 -3.54 -13.77
C ILE B 250 -6.38 -3.23 -12.48
N THR B 251 -6.73 -1.97 -12.29
CA THR B 251 -7.81 -1.65 -11.34
C THR B 251 -8.95 -1.07 -12.16
N LEU B 252 -10.11 -1.69 -12.06
CA LEU B 252 -11.31 -1.21 -12.76
C LEU B 252 -12.21 -0.46 -11.78
N PHE B 253 -12.25 0.85 -11.92
CA PHE B 253 -13.02 1.68 -11.00
C PHE B 253 -14.47 1.68 -11.44
N ALA B 254 -15.36 1.42 -10.50
CA ALA B 254 -16.80 1.50 -10.73
C ALA B 254 -17.28 2.51 -9.72
N ASP B 255 -17.25 3.78 -10.09
CA ASP B 255 -17.35 4.83 -9.09
C ASP B 255 -18.20 6.03 -9.47
N GLY B 256 -18.95 5.93 -10.58
CA GLY B 256 -19.78 7.04 -11.06
C GLY B 256 -19.00 8.32 -11.34
N GLY B 257 -17.68 8.16 -11.50
CA GLY B 257 -16.80 9.29 -11.84
C GLY B 257 -15.99 9.85 -10.69
N MET B 258 -16.06 9.21 -9.52
CA MET B 258 -15.48 9.78 -8.31
C MET B 258 -13.95 10.05 -8.40
N THR B 259 -13.18 9.14 -9.00
CA THR B 259 -11.74 9.34 -9.20
C THR B 259 -11.40 10.52 -10.16
N LYS B 260 -12.42 11.10 -10.79
CA LYS B 260 -12.20 12.19 -11.74
C LYS B 260 -12.17 13.58 -11.08
N TYR B 261 -12.18 13.61 -9.74
CA TYR B 261 -12.08 14.84 -8.92
C TYR B 261 -13.42 15.60 -8.81
N PRO B 262 -14.25 15.23 -7.81
CA PRO B 262 -15.57 15.85 -7.56
C PRO B 262 -15.53 17.38 -7.53
N SER B 263 -14.51 17.95 -6.90
CA SER B 263 -14.43 19.40 -6.72
C SER B 263 -14.33 20.19 -8.03
N PHE B 264 -14.03 19.51 -9.13
CA PHE B 264 -13.86 20.18 -10.41
C PHE B 264 -15.06 20.08 -11.36
N GLN B 265 -16.18 19.53 -10.86
CA GLN B 265 -17.46 19.55 -11.60
C GLN B 265 -17.84 21.00 -11.97
N ALA B 266 -18.44 21.18 -13.15
CA ALA B 266 -18.80 22.51 -13.69
C ALA B 266 -17.60 23.45 -13.94
N GLY B 267 -16.39 22.97 -13.64
CA GLY B 267 -15.15 23.63 -14.02
C GLY B 267 -14.51 24.58 -13.01
N ARG B 268 -14.87 24.43 -11.74
CA ARG B 268 -14.31 25.23 -10.63
C ARG B 268 -12.78 25.16 -10.55
N GLY B 269 -12.17 26.12 -9.85
CA GLY B 269 -10.73 26.08 -9.58
C GLY B 269 -9.90 27.16 -10.24
PA NAI C . -19.64 -4.74 4.43
O1A NAI C . -19.13 -4.29 5.79
O2A NAI C . -21.10 -5.10 4.22
O5B NAI C . -18.74 -5.98 3.93
C5B NAI C . -17.40 -6.20 4.38
C4B NAI C . -17.33 -7.66 4.81
O4B NAI C . -16.03 -7.97 5.31
C3B NAI C . -18.33 -7.98 5.91
O3B NAI C . -19.26 -8.99 5.47
C2B NAI C . -17.49 -8.46 7.07
O2B NAI C . -18.07 -9.56 7.76
C1B NAI C . -16.22 -8.89 6.38
N9A NAI C . -15.08 -8.94 7.32
C8A NAI C . -14.60 -7.94 8.10
N7A NAI C . -13.55 -8.41 8.81
C5A NAI C . -13.39 -9.72 8.49
C6A NAI C . -12.50 -10.70 8.90
N6A NAI C . -11.54 -10.41 9.81
N1A NAI C . -12.60 -11.95 8.36
C2A NAI C . -13.55 -12.24 7.44
N3A NAI C . -14.43 -11.31 7.03
C4A NAI C . -14.36 -10.05 7.55
O3 NAI C . -19.25 -3.57 3.36
PN NAI C . -19.08 -3.79 1.77
O1N NAI C . -19.88 -4.98 1.29
O2N NAI C . -19.30 -2.42 1.18
O5D NAI C . -17.51 -4.14 1.60
C5D NAI C . -16.99 -4.86 0.48
C4D NAI C . -15.56 -4.44 0.11
O4D NAI C . -15.57 -3.42 -0.88
C3D NAI C . -14.73 -3.90 1.26
O3D NAI C . -13.38 -4.36 1.12
C2D NAI C . -14.71 -2.41 1.06
O2D NAI C . -13.48 -1.90 1.57
C1D NAI C . -14.84 -2.27 -0.46
N1N NAI C . -15.49 -1.04 -0.96
C2N NAI C . -16.56 -0.55 -0.22
C3N NAI C . -17.12 0.63 -0.59
C7N NAI C . -18.52 0.98 -0.28
O7N NAI C . -18.92 2.13 -0.49
N7N NAI C . -19.29 0.03 0.24
C4N NAI C . -16.29 1.66 -1.34
C5N NAI C . -14.91 1.14 -1.65
C6N NAI C . -14.55 -0.05 -1.17
#